data_5QUF
#
_entry.id   5QUF
#
_cell.length_a   69.071
_cell.length_b   72.919
_cell.length_c   40.401
_cell.angle_alpha   90.000
_cell.angle_beta   90.000
_cell.angle_gamma   90.000
#
_symmetry.space_group_name_H-M   'P 21 21 2'
#
loop_
_entity.id
_entity.type
_entity.pdbx_description
1 polymer RadA
2 non-polymer naphthalene-2,3-diol
3 non-polymer 'PHOSPHATE ION'
4 water water
#
_entity_poly.entity_id   1
_entity_poly.type   'polypeptide(L)'
_entity_poly.pdbx_seq_one_letter_code
;MATIGRISTGSKSLDKLLGGGIETQAITEVFGEFGSGKTQLAHTLAVMVQLPPEEGGLNGSVMWIDTENTFRPERIREIA
QNRGLDPDEVLKHIAYARAFNSNHQMLLVQQAEDMIKELLNTDRPVKLLIVDSLTSHFRSEYIGALAERQQKLAKHLADL
HRLANLYDIAVFVTNQVQANGGHILAHSATLRVYLRKGKGGKRIARLIDAPHLPEGEAVFSITEKGIED
;
_entity_poly.pdbx_strand_id   A
#
loop_
_chem_comp.id
_chem_comp.type
_chem_comp.name
_chem_comp.formula
D48 non-polymer naphthalene-2,3-diol 'C10 H8 O2'
PO4 non-polymer 'PHOSPHATE ION' 'O4 P -3'
#
# COMPACT_ATOMS: atom_id res chain seq x y z
N ALA A 2 -8.58 -12.20 15.38
CA ALA A 2 -8.13 -10.88 15.84
C ALA A 2 -9.16 -9.81 15.50
N THR A 3 -9.24 -8.76 16.33
CA THR A 3 -10.04 -7.61 15.97
C THR A 3 -9.43 -6.92 14.74
N ILE A 4 -10.22 -6.06 14.11
CA ILE A 4 -9.75 -5.33 12.94
C ILE A 4 -8.98 -4.10 13.43
N GLY A 5 -7.70 -4.03 13.09
CA GLY A 5 -6.93 -2.83 13.40
C GLY A 5 -7.02 -1.82 12.27
N ARG A 6 -6.78 -0.56 12.61
N ARG A 6 -6.77 -0.56 12.60
CA ARG A 6 -6.77 0.50 11.62
CA ARG A 6 -6.80 0.50 11.61
C ARG A 6 -5.47 1.28 11.71
C ARG A 6 -5.53 1.35 11.70
N ILE A 7 -4.95 1.65 10.55
CA ILE A 7 -3.74 2.46 10.44
C ILE A 7 -4.16 3.81 9.88
N SER A 8 -3.92 4.86 10.65
CA SER A 8 -4.17 6.20 10.17
C SER A 8 -3.29 6.50 8.95
N THR A 9 -3.88 7.19 7.97
CA THR A 9 -3.16 7.61 6.78
C THR A 9 -2.34 8.86 6.98
N GLY A 10 -2.50 9.55 8.11
CA GLY A 10 -1.89 10.84 8.32
C GLY A 10 -2.81 12.01 8.06
N SER A 11 -3.94 11.78 7.39
CA SER A 11 -4.93 12.80 7.05
C SER A 11 -6.24 12.47 7.76
N LYS A 12 -6.75 13.42 8.55
CA LYS A 12 -8.04 13.22 9.21
C LYS A 12 -9.14 13.04 8.17
N SER A 13 -9.08 13.80 7.09
CA SER A 13 -10.07 13.70 6.03
C SER A 13 -10.08 12.29 5.43
N LEU A 14 -8.92 11.79 5.02
CA LEU A 14 -8.86 10.46 4.44
C LEU A 14 -9.24 9.39 5.47
N ASP A 15 -8.80 9.57 6.72
CA ASP A 15 -9.18 8.61 7.75
C ASP A 15 -10.69 8.52 7.90
N LYS A 16 -11.39 9.66 7.90
CA LYS A 16 -12.84 9.62 8.04
C LYS A 16 -13.48 8.86 6.89
N LEU A 17 -13.02 9.13 5.66
CA LEU A 17 -13.53 8.40 4.51
C LEU A 17 -13.34 6.90 4.67
N LEU A 18 -12.24 6.49 5.29
CA LEU A 18 -11.89 5.09 5.46
C LEU A 18 -12.44 4.48 6.75
N GLY A 19 -13.20 5.24 7.54
CA GLY A 19 -13.69 4.73 8.80
C GLY A 19 -12.65 4.62 9.90
N GLY A 20 -11.55 5.37 9.80
CA GLY A 20 -10.53 5.37 10.84
C GLY A 20 -9.13 5.16 10.31
N GLY A 21 -9.03 4.61 9.10
CA GLY A 21 -7.75 4.29 8.51
C GLY A 21 -7.82 3.02 7.69
N ILE A 22 -6.72 2.55 7.13
CA ILE A 22 -6.77 1.28 6.42
C ILE A 22 -6.83 0.13 7.40
N GLU A 23 -7.53 -0.93 7.03
CA GLU A 23 -7.81 -2.04 7.93
C GLU A 23 -6.79 -3.15 7.81
N THR A 24 -6.45 -3.75 8.94
CA THR A 24 -5.83 -5.06 8.89
C THR A 24 -6.85 -6.10 8.42
N GLN A 25 -6.36 -7.29 8.08
CA GLN A 25 -7.23 -8.31 7.51
C GLN A 25 -7.96 -7.78 6.27
N ALA A 26 -7.26 -6.97 5.47
CA ALA A 26 -7.87 -6.39 4.28
C ALA A 26 -6.78 -6.01 3.29
N ILE A 27 -7.15 -6.03 2.00
CA ILE A 27 -6.33 -5.44 0.95
C ILE A 27 -6.96 -4.10 0.57
N THR A 28 -6.20 -3.02 0.72
CA THR A 28 -6.62 -1.72 0.22
C THR A 28 -5.86 -1.43 -1.05
N GLU A 29 -6.59 -1.21 -2.14
CA GLU A 29 -6.02 -0.90 -3.45
C GLU A 29 -6.24 0.56 -3.73
N VAL A 30 -5.16 1.31 -3.92
N VAL A 30 -5.16 1.31 -3.92
CA VAL A 30 -5.26 2.69 -4.37
CA VAL A 30 -5.24 2.70 -4.36
C VAL A 30 -4.86 2.74 -5.83
C VAL A 30 -4.85 2.74 -5.84
N PHE A 31 -5.68 3.38 -6.66
CA PHE A 31 -5.44 3.47 -8.08
C PHE A 31 -5.66 4.89 -8.56
N GLY A 32 -4.96 5.23 -9.63
CA GLY A 32 -5.02 6.56 -10.20
C GLY A 32 -3.86 6.75 -11.15
N GLU A 33 -3.85 7.94 -11.76
CA GLU A 33 -2.84 8.24 -12.77
C GLU A 33 -1.46 8.36 -12.16
N PHE A 34 -0.45 8.28 -13.03
CA PHE A 34 0.91 8.65 -12.66
C PHE A 34 0.91 10.02 -11.98
N GLY A 35 1.59 10.11 -10.84
CA GLY A 35 1.71 11.37 -10.13
C GLY A 35 0.56 11.70 -9.20
N SER A 36 -0.40 10.80 -9.01
CA SER A 36 -1.56 11.11 -8.17
C SER A 36 -1.23 11.07 -6.68
N GLY A 37 -0.10 10.49 -6.28
CA GLY A 37 0.28 10.43 -4.89
C GLY A 37 0.22 9.06 -4.26
N LYS A 38 0.05 8.00 -5.04
CA LYS A 38 -0.09 6.67 -4.46
C LYS A 38 1.14 6.27 -3.66
N THR A 39 2.33 6.49 -4.23
CA THR A 39 3.55 6.13 -3.52
C THR A 39 3.77 7.01 -2.28
N GLN A 40 3.35 8.28 -2.32
CA GLN A 40 3.43 9.11 -1.11
C GLN A 40 2.56 8.55 0.00
N LEU A 41 1.36 8.06 -0.34
CA LEU A 41 0.52 7.44 0.68
C LEU A 41 1.18 6.19 1.25
N ALA A 42 1.80 5.38 0.39
CA ALA A 42 2.53 4.21 0.86
C ALA A 42 3.63 4.59 1.84
N HIS A 43 4.48 5.58 1.47
CA HIS A 43 5.54 6.00 2.38
C HIS A 43 4.96 6.48 3.70
N THR A 44 3.85 7.22 3.67
CA THR A 44 3.27 7.74 4.91
C THR A 44 2.76 6.61 5.80
N LEU A 45 2.07 5.63 5.21
CA LEU A 45 1.56 4.51 5.99
C LEU A 45 2.70 3.71 6.63
N ALA A 46 3.82 3.57 5.93
CA ALA A 46 4.97 2.84 6.48
C ALA A 46 5.51 3.49 7.73
N VAL A 47 5.29 4.79 7.91
CA VAL A 47 5.63 5.48 9.15
C VAL A 47 4.48 5.40 10.15
N MET A 48 3.27 5.75 9.72
CA MET A 48 2.14 5.81 10.64
C MET A 48 1.94 4.50 11.39
N VAL A 49 2.12 3.36 10.71
CA VAL A 49 1.84 2.08 11.35
C VAL A 49 2.73 1.86 12.58
N GLN A 50 3.87 2.55 12.65
CA GLN A 50 4.83 2.37 13.73
C GLN A 50 4.50 3.20 14.97
N LEU A 51 3.51 4.09 14.88
CA LEU A 51 3.04 4.85 16.03
C LEU A 51 2.22 3.93 16.95
N PRO A 52 2.04 4.32 18.22
CA PRO A 52 1.13 3.58 19.08
C PRO A 52 -0.32 3.82 18.67
N PRO A 53 -1.25 2.97 19.12
CA PRO A 53 -2.66 3.16 18.72
C PRO A 53 -3.24 4.52 19.07
N GLU A 54 -2.80 5.12 20.18
CA GLU A 54 -3.29 6.44 20.58
C GLU A 54 -3.03 7.48 19.50
N GLU A 55 -2.03 7.25 18.65
CA GLU A 55 -1.69 8.16 17.57
C GLU A 55 -2.05 7.60 16.20
N GLY A 56 -2.81 6.51 16.16
CA GLY A 56 -3.26 5.95 14.91
C GLY A 56 -2.43 4.85 14.30
N GLY A 57 -1.41 4.35 14.99
CA GLY A 57 -0.63 3.24 14.50
C GLY A 57 -0.95 1.94 15.23
N LEU A 58 -0.12 0.94 14.97
CA LEU A 58 -0.29 -0.41 15.53
C LEU A 58 1.02 -0.93 16.12
N ASN A 59 1.98 -0.04 16.39
CA ASN A 59 3.30 -0.46 16.84
C ASN A 59 3.86 -1.54 15.92
N GLY A 60 3.60 -1.41 14.63
CA GLY A 60 3.86 -2.49 13.70
C GLY A 60 5.15 -2.37 12.91
N SER A 61 5.62 -3.52 12.44
CA SER A 61 6.67 -3.60 11.43
C SER A 61 6.05 -3.59 10.03
N VAL A 62 6.89 -3.34 9.03
CA VAL A 62 6.45 -3.15 7.65
C VAL A 62 7.26 -4.07 6.75
N MET A 63 6.61 -4.58 5.71
CA MET A 63 7.31 -5.21 4.60
C MET A 63 6.88 -4.50 3.33
N TRP A 64 7.85 -4.25 2.45
CA TRP A 64 7.62 -3.42 1.28
C TRP A 64 8.20 -4.12 0.06
N ILE A 65 7.35 -4.44 -0.91
CA ILE A 65 7.78 -4.96 -2.21
C ILE A 65 7.68 -3.85 -3.24
N ASP A 66 8.82 -3.46 -3.81
CA ASP A 66 8.97 -2.32 -4.70
C ASP A 66 9.22 -2.87 -6.11
N THR A 67 8.34 -2.54 -7.05
CA THR A 67 8.52 -3.00 -8.42
C THR A 67 9.05 -1.94 -9.36
N GLU A 68 9.11 -0.68 -8.93
CA GLU A 68 9.50 0.42 -9.81
C GLU A 68 10.66 1.25 -9.25
N ASN A 69 11.39 0.74 -8.26
CA ASN A 69 12.49 1.48 -7.65
C ASN A 69 12.05 2.87 -7.16
N THR A 70 10.88 2.94 -6.53
CA THR A 70 10.34 4.21 -6.06
C THR A 70 10.35 4.38 -4.54
N PHE A 71 10.79 3.37 -3.79
CA PHE A 71 10.96 3.53 -2.35
C PHE A 71 12.12 4.47 -2.09
N ARG A 72 11.92 5.44 -1.19
CA ARG A 72 12.94 6.45 -0.89
C ARG A 72 13.17 6.49 0.62
N PRO A 73 14.25 5.89 1.11
CA PRO A 73 14.51 5.97 2.56
C PRO A 73 14.59 7.39 3.07
N GLU A 74 15.10 8.32 2.26
CA GLU A 74 15.20 9.70 2.72
C GLU A 74 13.84 10.32 2.93
N ARG A 75 12.85 9.89 2.14
CA ARG A 75 11.47 10.34 2.34
C ARG A 75 10.89 9.75 3.62
N ILE A 76 11.14 8.46 3.87
CA ILE A 76 10.76 7.86 5.14
C ILE A 76 11.34 8.66 6.30
N ARG A 77 12.63 9.02 6.20
CA ARG A 77 13.28 9.78 7.27
C ARG A 77 12.57 11.10 7.54
N GLU A 78 12.25 11.83 6.46
CA GLU A 78 11.57 13.12 6.61
C GLU A 78 10.21 12.96 7.29
N ILE A 79 9.40 11.99 6.82
CA ILE A 79 8.08 11.79 7.40
C ILE A 79 8.20 11.38 8.86
N ALA A 80 9.12 10.46 9.16
CA ALA A 80 9.32 10.02 10.54
C ALA A 80 9.71 11.18 11.43
N GLN A 81 10.69 11.99 10.99
N GLN A 81 10.72 11.95 11.01
CA GLN A 81 11.15 13.10 11.82
CA GLN A 81 11.15 13.13 11.77
C GLN A 81 10.03 14.11 12.09
C GLN A 81 9.95 13.99 12.13
N ASN A 82 9.11 14.28 11.14
CA ASN A 82 7.97 15.18 11.29
C ASN A 82 6.72 14.47 11.81
N ARG A 83 6.84 13.22 12.23
CA ARG A 83 5.80 12.53 12.96
C ARG A 83 6.28 12.18 14.37
N GLY A 84 7.39 12.77 14.80
CA GLY A 84 7.86 12.58 16.16
C GLY A 84 8.49 11.24 16.45
N LEU A 85 8.94 10.53 15.44
CA LEU A 85 9.58 9.23 15.60
C LEU A 85 11.07 9.36 15.29
N ASP A 86 11.84 8.39 15.75
CA ASP A 86 13.24 8.36 15.38
C ASP A 86 13.38 7.73 13.99
N PRO A 87 13.92 8.46 13.01
CA PRO A 87 13.99 7.90 11.65
C PRO A 87 14.79 6.61 11.55
N ASP A 88 15.88 6.47 12.30
CA ASP A 88 16.64 5.22 12.22
C ASP A 88 15.79 4.04 12.67
N GLU A 89 15.03 4.20 13.75
CA GLU A 89 14.19 3.11 14.23
C GLU A 89 13.10 2.78 13.21
N VAL A 90 12.51 3.82 12.61
CA VAL A 90 11.47 3.60 11.61
C VAL A 90 12.01 2.80 10.43
N LEU A 91 13.18 3.18 9.93
CA LEU A 91 13.75 2.45 8.79
C LEU A 91 14.13 1.02 9.17
N LYS A 92 14.61 0.80 10.40
CA LYS A 92 14.96 -0.54 10.84
C LYS A 92 13.75 -1.45 10.93
N HIS A 93 12.54 -0.91 10.95
CA HIS A 93 11.34 -1.75 10.99
C HIS A 93 10.62 -1.83 9.66
N ILE A 94 11.29 -1.47 8.57
CA ILE A 94 10.78 -1.65 7.20
C ILE A 94 11.68 -2.65 6.51
N ALA A 95 11.16 -3.84 6.22
CA ALA A 95 11.87 -4.83 5.41
C ALA A 95 11.57 -4.53 3.95
N TYR A 96 12.60 -4.41 3.13
CA TYR A 96 12.48 -3.88 1.78
C TYR A 96 13.04 -4.86 0.75
N ALA A 97 12.28 -5.10 -0.31
CA ALA A 97 12.74 -5.95 -1.40
C ALA A 97 12.25 -5.39 -2.73
N ARG A 98 13.13 -5.42 -3.71
CA ARG A 98 12.78 -5.04 -5.08
C ARG A 98 12.39 -6.31 -5.85
N ALA A 99 11.24 -6.26 -6.50
CA ALA A 99 10.79 -7.39 -7.35
C ALA A 99 11.36 -7.20 -8.76
N PHE A 100 12.08 -8.21 -9.23
CA PHE A 100 12.75 -8.14 -10.53
C PHE A 100 11.78 -8.30 -11.69
N ASN A 101 10.77 -9.13 -11.53
CA ASN A 101 9.71 -9.37 -12.51
C ASN A 101 8.51 -9.89 -11.76
N SER A 102 7.42 -10.20 -12.49
CA SER A 102 6.20 -10.61 -11.80
C SER A 102 6.34 -11.96 -11.09
N ASN A 103 7.14 -12.88 -11.64
CA ASN A 103 7.31 -14.18 -10.98
C ASN A 103 8.12 -14.05 -9.71
N HIS A 104 9.13 -13.18 -9.72
CA HIS A 104 9.87 -12.91 -8.50
C HIS A 104 9.00 -12.19 -7.48
N GLN A 105 8.15 -11.28 -7.96
CA GLN A 105 7.19 -10.62 -7.09
C GLN A 105 6.31 -11.63 -6.38
N MET A 106 5.89 -12.68 -7.10
CA MET A 106 5.05 -13.70 -6.47
C MET A 106 5.84 -14.49 -5.43
N LEU A 107 7.10 -14.82 -5.72
CA LEU A 107 7.92 -15.53 -4.74
C LEU A 107 8.16 -14.69 -3.49
N LEU A 108 8.35 -13.37 -3.66
CA LEU A 108 8.58 -12.51 -2.50
C LEU A 108 7.43 -12.53 -1.52
N VAL A 109 6.20 -12.70 -2.00
CA VAL A 109 5.07 -12.82 -1.08
C VAL A 109 5.20 -14.08 -0.23
N GLN A 110 5.65 -15.18 -0.82
CA GLN A 110 5.89 -16.38 -0.02
C GLN A 110 7.05 -16.17 0.95
N GLN A 111 8.10 -15.49 0.51
CA GLN A 111 9.21 -15.19 1.42
C GLN A 111 8.75 -14.32 2.57
N ALA A 112 7.86 -13.36 2.29
CA ALA A 112 7.41 -12.46 3.34
C ALA A 112 6.77 -13.25 4.48
N GLU A 113 6.08 -14.33 4.17
CA GLU A 113 5.43 -15.11 5.21
C GLU A 113 6.43 -15.59 6.27
N ASP A 114 7.66 -15.91 5.86
CA ASP A 114 8.64 -16.38 6.83
C ASP A 114 8.99 -15.31 7.85
N MET A 115 9.17 -14.07 7.39
N MET A 115 9.18 -14.06 7.40
CA MET A 115 9.46 -12.99 8.32
CA MET A 115 9.48 -13.01 8.37
C MET A 115 8.24 -12.62 9.17
C MET A 115 8.23 -12.65 9.19
N ILE A 116 7.06 -12.68 8.56
CA ILE A 116 5.83 -12.46 9.31
C ILE A 116 5.73 -13.44 10.48
N LYS A 117 6.00 -14.73 10.21
CA LYS A 117 5.98 -15.73 11.27
C LYS A 117 7.01 -15.42 12.35
N GLU A 118 8.20 -15.01 11.95
CA GLU A 118 9.26 -14.74 12.92
C GLU A 118 8.86 -13.63 13.88
N LEU A 119 8.18 -12.60 13.38
CA LEU A 119 7.84 -11.42 14.18
C LEU A 119 6.48 -11.54 14.86
N LEU A 120 5.73 -12.61 14.59
CA LEU A 120 4.32 -12.65 14.97
C LEU A 120 4.12 -12.45 16.46
N ASN A 121 4.97 -13.03 17.29
CA ASN A 121 4.73 -13.00 18.73
C ASN A 121 5.61 -11.96 19.44
N THR A 122 6.20 -11.03 18.68
CA THR A 122 7.07 -10.02 19.23
C THR A 122 6.30 -8.74 19.49
N ASP A 123 6.98 -7.74 20.04
CA ASP A 123 6.35 -6.45 20.27
C ASP A 123 6.23 -5.61 18.99
N ARG A 124 6.79 -6.07 17.87
CA ARG A 124 6.73 -5.33 16.61
C ARG A 124 6.35 -6.30 15.48
N PRO A 125 5.17 -6.91 15.57
CA PRO A 125 4.73 -7.82 14.52
C PRO A 125 4.52 -7.07 13.22
N VAL A 126 4.63 -7.78 12.10
CA VAL A 126 4.31 -7.14 10.83
C VAL A 126 2.84 -6.75 10.86
N LYS A 127 2.56 -5.49 10.55
CA LYS A 127 1.18 -5.02 10.45
C LYS A 127 0.85 -4.40 9.11
N LEU A 128 1.84 -4.21 8.24
CA LEU A 128 1.63 -3.56 6.95
C LEU A 128 2.52 -4.22 5.92
N LEU A 129 1.91 -4.66 4.82
CA LEU A 129 2.62 -5.17 3.66
C LEU A 129 2.22 -4.33 2.47
N ILE A 130 3.21 -3.65 1.88
CA ILE A 130 3.01 -2.75 0.73
C ILE A 130 3.51 -3.44 -0.52
N VAL A 131 2.72 -3.38 -1.59
CA VAL A 131 3.17 -3.81 -2.91
C VAL A 131 2.95 -2.62 -3.84
N ASP A 132 4.05 -2.02 -4.29
CA ASP A 132 4.05 -0.77 -5.06
C ASP A 132 5.10 -0.94 -6.15
N SER A 133 4.68 -1.17 -7.40
CA SER A 133 3.31 -1.22 -7.85
C SER A 133 2.89 -2.66 -8.03
N LEU A 134 1.65 -2.99 -7.69
CA LEU A 134 1.26 -4.39 -7.80
C LEU A 134 1.17 -4.86 -9.24
N THR A 135 0.73 -4.01 -10.16
CA THR A 135 0.36 -4.45 -11.49
C THR A 135 1.41 -4.17 -12.57
N SER A 136 2.44 -3.39 -12.28
N SER A 136 2.42 -3.36 -12.27
CA SER A 136 3.30 -2.88 -13.34
CA SER A 136 3.33 -2.88 -13.30
C SER A 136 4.01 -4.01 -14.10
C SER A 136 3.96 -4.03 -14.08
N HIS A 137 4.58 -4.99 -13.39
CA HIS A 137 5.26 -6.09 -14.08
C HIS A 137 4.28 -6.96 -14.84
N PHE A 138 3.12 -7.26 -14.23
CA PHE A 138 2.14 -8.09 -14.90
C PHE A 138 1.67 -7.43 -16.19
N ARG A 139 1.49 -6.12 -16.18
CA ARG A 139 1.04 -5.40 -17.37
C ARG A 139 2.07 -5.47 -18.48
N SER A 140 3.34 -5.21 -18.17
N SER A 140 3.35 -5.22 -18.15
CA SER A 140 4.35 -5.20 -19.23
CA SER A 140 4.41 -5.18 -19.16
C SER A 140 4.63 -6.59 -19.76
C SER A 140 4.73 -6.56 -19.70
N GLU A 141 4.63 -7.61 -18.88
CA GLU A 141 5.01 -8.94 -19.32
C GLU A 141 3.92 -9.63 -20.13
N TYR A 142 2.65 -9.28 -19.91
CA TYR A 142 1.54 -10.01 -20.52
C TYR A 142 0.78 -9.19 -21.57
N ILE A 143 1.43 -8.23 -22.20
CA ILE A 143 0.83 -7.54 -23.34
C ILE A 143 0.35 -8.56 -24.35
N GLY A 144 -0.89 -8.40 -24.83
CA GLY A 144 -1.45 -9.33 -25.78
C GLY A 144 -1.80 -10.69 -25.22
N ALA A 145 -1.73 -10.87 -23.89
CA ALA A 145 -2.01 -12.13 -23.23
C ALA A 145 -2.85 -11.87 -21.97
N LEU A 146 -4.02 -11.27 -22.15
CA LEU A 146 -4.81 -10.81 -21.01
C LEU A 146 -5.30 -11.97 -20.16
N ALA A 147 -5.75 -13.06 -20.78
CA ALA A 147 -6.28 -14.18 -20.01
C ALA A 147 -5.23 -14.76 -19.08
N GLU A 148 -4.00 -14.95 -19.57
CA GLU A 148 -2.92 -15.45 -18.72
C GLU A 148 -2.55 -14.44 -17.64
N ARG A 149 -2.55 -13.15 -17.98
CA ARG A 149 -2.27 -12.12 -16.98
C ARG A 149 -3.28 -12.19 -15.83
N GLN A 150 -4.56 -12.38 -16.16
CA GLN A 150 -5.57 -12.42 -15.11
C GLN A 150 -5.42 -13.65 -14.23
N GLN A 151 -5.00 -14.78 -14.81
CA GLN A 151 -4.76 -15.98 -14.02
C GLN A 151 -3.67 -15.74 -12.97
N LYS A 152 -2.55 -15.13 -13.39
CA LYS A 152 -1.43 -14.93 -12.48
C LYS A 152 -1.74 -13.87 -11.44
N LEU A 153 -2.37 -12.78 -11.86
CA LEU A 153 -2.82 -11.77 -10.91
C LEU A 153 -3.76 -12.37 -9.88
N ALA A 154 -4.67 -13.24 -10.32
CA ALA A 154 -5.66 -13.80 -9.40
C ALA A 154 -4.98 -14.62 -8.31
N LYS A 155 -3.97 -15.41 -8.67
CA LYS A 155 -3.28 -16.17 -7.64
C LYS A 155 -2.47 -15.25 -6.73
N HIS A 156 -1.84 -14.23 -7.30
CA HIS A 156 -1.07 -13.29 -6.51
C HIS A 156 -1.95 -12.61 -5.47
N LEU A 157 -3.12 -12.13 -5.89
CA LEU A 157 -4.04 -11.46 -4.98
C LEU A 157 -4.57 -12.44 -3.93
N ALA A 158 -4.79 -13.70 -4.31
CA ALA A 158 -5.22 -14.70 -3.33
C ALA A 158 -4.15 -14.92 -2.26
N ASP A 159 -2.87 -14.96 -2.67
CA ASP A 159 -1.79 -15.09 -1.71
C ASP A 159 -1.80 -13.93 -0.72
N LEU A 160 -1.98 -12.71 -1.23
CA LEU A 160 -1.98 -11.52 -0.39
C LEU A 160 -3.17 -11.50 0.56
N HIS A 161 -4.35 -11.91 0.07
N HIS A 161 -4.37 -11.83 0.05
CA HIS A 161 -5.50 -12.09 0.94
CA HIS A 161 -5.56 -11.84 0.89
C HIS A 161 -5.18 -13.04 2.08
C HIS A 161 -5.44 -12.90 2.00
N ARG A 162 -4.64 -14.20 1.75
N ARG A 162 -4.77 -14.02 1.71
CA ARG A 162 -4.36 -15.21 2.77
CA ARG A 162 -4.48 -15.00 2.75
C ARG A 162 -3.45 -14.64 3.86
C ARG A 162 -3.61 -14.40 3.86
N LEU A 163 -2.47 -13.82 3.49
CA LEU A 163 -1.57 -13.24 4.50
C LEU A 163 -2.32 -12.21 5.35
N ALA A 164 -3.09 -11.35 4.70
CA ALA A 164 -3.85 -10.33 5.43
C ALA A 164 -4.71 -10.96 6.52
N ASN A 165 -5.45 -12.00 6.16
CA ASN A 165 -6.41 -12.59 7.09
C ASN A 165 -5.72 -13.49 8.11
N LEU A 166 -4.74 -14.28 7.67
CA LEU A 166 -4.12 -15.25 8.56
C LEU A 166 -3.28 -14.57 9.62
N TYR A 167 -2.60 -13.48 9.28
CA TYR A 167 -1.64 -12.86 10.18
C TYR A 167 -2.06 -11.47 10.65
N ASP A 168 -3.29 -11.03 10.37
CA ASP A 168 -3.80 -9.76 10.87
C ASP A 168 -2.92 -8.59 10.39
N ILE A 169 -2.77 -8.50 9.06
CA ILE A 169 -1.93 -7.51 8.42
C ILE A 169 -2.79 -6.67 7.48
N ALA A 170 -2.48 -5.39 7.40
CA ALA A 170 -3.03 -4.52 6.37
C ALA A 170 -2.17 -4.63 5.12
N VAL A 171 -2.77 -5.05 4.02
CA VAL A 171 -2.06 -5.10 2.75
C VAL A 171 -2.47 -3.86 1.95
N PHE A 172 -1.48 -3.11 1.50
CA PHE A 172 -1.72 -1.86 0.77
C PHE A 172 -1.04 -1.97 -0.59
N VAL A 173 -1.81 -1.86 -1.66
CA VAL A 173 -1.27 -2.08 -3.00
C VAL A 173 -1.61 -0.87 -3.87
N THR A 174 -0.70 -0.52 -4.77
CA THR A 174 -0.91 0.59 -5.70
C THR A 174 -1.06 0.07 -7.12
N ASN A 175 -1.80 0.82 -7.92
CA ASN A 175 -2.14 0.41 -9.28
C ASN A 175 -2.27 1.65 -10.15
N GLN A 176 -1.40 1.79 -11.14
CA GLN A 176 -1.44 2.95 -12.04
C GLN A 176 -2.49 2.69 -13.11
N VAL A 177 -3.43 3.62 -13.23
CA VAL A 177 -4.53 3.50 -14.19
C VAL A 177 -4.72 4.86 -14.83
N GLN A 178 -4.53 4.93 -16.13
CA GLN A 178 -4.74 6.19 -16.83
C GLN A 178 -5.24 5.91 -18.23
N ALA A 179 -5.35 6.96 -19.03
N ALA A 179 -5.43 6.98 -19.00
CA ALA A 179 -5.93 6.96 -20.39
CA ALA A 179 -6.02 6.84 -20.33
C ALA A 179 -6.20 5.59 -21.00
C ALA A 179 -5.16 5.96 -21.22
N ASN A 180 -7.49 5.22 -21.07
N ASN A 180 -3.84 6.08 -21.12
CA ASN A 180 -7.97 4.01 -21.73
CA ASN A 180 -2.92 5.34 -21.97
C ASN A 180 -7.66 2.75 -20.92
C ASN A 180 -2.46 4.02 -21.37
N GLY A 181 -6.86 2.89 -19.86
N GLY A 181 -3.11 3.55 -20.31
CA GLY A 181 -6.47 1.72 -19.11
CA GLY A 181 -2.82 2.22 -19.80
C GLY A 181 -7.47 1.35 -18.04
C GLY A 181 -3.20 2.05 -18.34
N GLY A 182 -7.32 0.12 -17.56
N GLY A 182 -3.44 0.79 -17.98
CA GLY A 182 -8.09 -0.28 -16.40
CA GLY A 182 -3.76 0.46 -16.60
C GLY A 182 -9.02 -1.46 -16.58
C GLY A 182 -5.15 -0.13 -16.45
N HIS A 183 -8.65 -2.56 -15.93
N HIS A 183 -5.28 -1.08 -15.54
CA HIS A 183 -9.62 -3.40 -15.27
CA HIS A 183 -6.55 -1.74 -15.27
C HIS A 183 -9.55 -3.15 -13.77
C HIS A 183 -6.70 -1.88 -13.76
N ILE A 184 -8.82 -2.10 -13.38
N ILE A 184 -7.79 -1.36 -13.21
CA ILE A 184 -8.41 -1.87 -12.00
CA ILE A 184 -8.07 -1.60 -11.79
C ILE A 184 -7.86 -3.20 -11.52
C ILE A 184 -8.30 -3.10 -11.58
N LEU A 185 -8.13 -3.57 -10.28
N LEU A 185 -7.93 -3.58 -10.39
CA LEU A 185 -8.02 -4.97 -9.87
CA LEU A 185 -7.95 -5.02 -10.06
C LEU A 185 -9.37 -5.65 -9.87
C LEU A 185 -9.35 -5.60 -9.87
N ALA A 186 -10.32 -5.13 -10.65
CA ALA A 186 -11.71 -5.62 -10.64
C ALA A 186 -12.23 -5.59 -9.21
N HIS A 187 -12.80 -6.69 -8.69
CA HIS A 187 -13.45 -6.76 -7.38
C HIS A 187 -12.57 -7.45 -6.36
N SER A 188 -11.28 -7.63 -6.65
CA SER A 188 -10.43 -8.48 -5.83
C SER A 188 -10.01 -7.81 -4.52
N ALA A 189 -9.67 -6.53 -4.54
CA ALA A 189 -9.28 -5.85 -3.31
C ALA A 189 -10.44 -5.87 -2.31
N THR A 190 -10.10 -5.72 -1.03
CA THR A 190 -11.16 -5.49 -0.05
C THR A 190 -11.78 -4.12 -0.26
N LEU A 191 -10.95 -3.15 -0.65
CA LEU A 191 -11.43 -1.78 -0.73
C LEU A 191 -10.64 -1.05 -1.80
N ARG A 192 -11.36 -0.37 -2.68
CA ARG A 192 -10.74 0.39 -3.77
C ARG A 192 -10.85 1.88 -3.48
N VAL A 193 -9.73 2.57 -3.56
CA VAL A 193 -9.64 4.01 -3.36
C VAL A 193 -9.11 4.63 -4.65
N TYR A 194 -9.91 5.50 -5.25
CA TYR A 194 -9.48 6.28 -6.41
C TYR A 194 -8.82 7.57 -5.93
N LEU A 195 -7.61 7.83 -6.41
CA LEU A 195 -6.85 9.00 -6.02
C LEU A 195 -6.58 9.84 -7.27
N ARG A 196 -6.71 11.16 -7.14
CA ARG A 196 -6.44 12.05 -8.27
C ARG A 196 -5.90 13.37 -7.76
N LYS A 197 -5.21 14.07 -8.66
CA LYS A 197 -4.80 15.45 -8.42
C LYS A 197 -5.97 16.39 -8.58
N GLY A 198 -6.04 17.40 -7.71
CA GLY A 198 -6.95 18.50 -7.87
C GLY A 198 -6.21 19.82 -8.00
N LYS A 199 -6.98 20.90 -8.06
CA LYS A 199 -6.42 22.23 -8.20
C LYS A 199 -5.46 22.56 -7.05
N GLY A 200 -4.38 23.25 -7.38
CA GLY A 200 -3.44 23.69 -6.36
C GLY A 200 -2.71 22.58 -5.65
N GLY A 201 -2.44 21.47 -6.34
CA GLY A 201 -1.70 20.37 -5.75
C GLY A 201 -2.45 19.54 -4.73
N LYS A 202 -3.72 19.84 -4.49
CA LYS A 202 -4.51 19.00 -3.60
C LYS A 202 -4.66 17.62 -4.20
N ARG A 203 -4.79 16.62 -3.32
CA ARG A 203 -5.12 15.26 -3.73
C ARG A 203 -6.51 14.94 -3.21
N ILE A 204 -7.29 14.21 -4.01
CA ILE A 204 -8.69 13.90 -3.71
C ILE A 204 -8.84 12.39 -3.77
N ALA A 205 -9.47 11.81 -2.75
CA ALA A 205 -9.71 10.38 -2.69
C ALA A 205 -11.20 10.09 -2.62
N ARG A 206 -11.61 9.02 -3.30
CA ARG A 206 -13.00 8.58 -3.34
C ARG A 206 -13.04 7.07 -3.28
N LEU A 207 -13.99 6.52 -2.54
CA LEU A 207 -14.17 5.08 -2.49
C LEU A 207 -14.95 4.62 -3.70
N ILE A 208 -14.49 3.53 -4.32
CA ILE A 208 -15.11 2.99 -5.53
C ILE A 208 -15.77 1.68 -5.17
N ASP A 209 -17.10 1.63 -5.26
CA ASP A 209 -17.91 0.51 -4.76
C ASP A 209 -18.30 0.72 -3.31
N GLY A 216 -18.85 10.74 -0.05
CA GLY A 216 -18.06 11.97 -0.11
C GLY A 216 -16.65 11.76 -0.63
N GLU A 217 -15.84 12.81 -0.55
CA GLU A 217 -14.45 12.74 -0.98
C GLU A 217 -13.56 13.35 0.08
N ALA A 218 -12.39 12.75 0.27
CA ALA A 218 -11.38 13.28 1.16
C ALA A 218 -10.39 14.11 0.36
N VAL A 219 -9.84 15.14 1.00
CA VAL A 219 -8.90 16.04 0.35
C VAL A 219 -7.70 16.21 1.27
N PHE A 220 -6.50 16.13 0.70
CA PHE A 220 -5.30 16.25 1.52
C PHE A 220 -4.15 16.79 0.68
N SER A 221 -3.06 17.09 1.35
CA SER A 221 -1.86 17.60 0.72
C SER A 221 -0.69 16.69 1.02
N ILE A 222 0.31 16.73 0.14
N ILE A 222 0.34 16.75 0.17
CA ILE A 222 1.58 16.04 0.37
CA ILE A 222 1.59 16.03 0.37
C ILE A 222 2.52 17.06 1.03
C ILE A 222 2.58 17.01 0.99
N THR A 223 3.01 16.72 2.21
CA THR A 223 3.86 17.65 2.96
C THR A 223 5.03 16.91 3.59
N GLU A 224 5.79 17.63 4.45
CA GLU A 224 6.89 16.98 5.16
C GLU A 224 6.39 15.94 6.15
N LYS A 225 5.10 15.97 6.50
CA LYS A 225 4.50 14.96 7.36
C LYS A 225 3.98 13.76 6.58
N GLY A 226 4.27 13.68 5.29
CA GLY A 226 3.76 12.61 4.46
C GLY A 226 2.54 13.13 3.73
N ILE A 227 1.35 12.84 4.26
CA ILE A 227 0.14 13.54 3.83
C ILE A 227 -0.50 14.15 5.06
N GLU A 228 -1.29 15.18 4.84
CA GLU A 228 -2.04 15.78 5.93
C GLU A 228 -3.15 16.64 5.34
N ASP A 229 -4.12 16.98 6.18
CA ASP A 229 -5.24 17.79 5.72
C ASP A 229 -4.79 19.13 5.18
O1 D48 B . 13.60 -11.97 3.66
C1 D48 B . 12.87 -10.93 3.20
C2 D48 B . 11.72 -11.11 2.47
C3 D48 B . 10.97 -10.01 2.02
C4 D48 B . 9.76 -10.17 1.29
C5 D48 B . 9.05 -9.08 0.88
C6 D48 B . 9.48 -7.80 1.18
C7 D48 B . 10.64 -7.61 1.88
C8 D48 B . 11.41 -8.71 2.31
C9 D48 B . 12.60 -8.54 3.06
C10 D48 B . 13.32 -9.62 3.49
O2 D48 B . 14.45 -9.49 4.22
H1 D48 B . 13.17 -12.81 3.37
H2 D48 B . 11.37 -12.11 2.23
H3 D48 B . 9.42 -11.17 1.05
H4 D48 B . 8.13 -9.22 0.32
H5 D48 B . 8.89 -6.95 0.85
H6 D48 B . 10.99 -6.59 2.10
H7 D48 B . 12.96 -7.54 3.29
H8 D48 B . 14.29 -9.84 5.13
P PO4 C . 2.01 8.03 -8.00
O1 PO4 C . 2.36 9.42 -7.52
O2 PO4 C . 2.74 7.02 -7.14
O3 PO4 C . 0.53 7.82 -7.86
O4 PO4 C . 2.47 7.87 -9.43
#